data_8TM9
#
_entry.id   8TM9
#
_cell.length_a   54.717
_cell.length_b   54.562
_cell.length_c   80.478
_cell.angle_alpha   90.00
_cell.angle_beta   96.11
_cell.angle_gamma   90.00
#
_symmetry.space_group_name_H-M   'P 1 21 1'
#
loop_
_entity.id
_entity.type
_entity.pdbx_description
1 polymer 'D_3_633_8x peptide bound'
2 polymer MC1
3 non-polymer N-PROPANOL
4 non-polymer 'SULFATE ION'
5 water water
#
loop_
_entity_poly.entity_id
_entity_poly.type
_entity_poly.pdbx_seq_one_letter_code
_entity_poly.pdbx_strand_id
1 'polypeptide(L)'
;SGSGSSPELDELWKRVKKLVTELLEQAERAGDPEEIFKLLEVAAALVFLAEMFLRLAAIQEKATDPEIQELAERVLRLIK
RLLEEAERAGDPRRIRELVEVASQLAFLLELFYRLKEIQERATDPEIQELAERVLRLIKKLLKAAEEAGDPRKIHKLVFV
AIVLLFLLQTFYRLKEIQEKATDPEIQRKAQEVLEKIKRLLEAAERAGDPAKILLYVIRALLLAMELKFAYRKR
;
A,B
2 'polypeptide(D)' (DAL)(DPR)(MLE)(MEA)(DAL)(DPR)(MLE)(MEA) D
#
loop_
_chem_comp.id
_chem_comp.type
_chem_comp.name
_chem_comp.formula
POL non-polymer N-PROPANOL 'C3 H8 O'
SO4 non-polymer 'SULFATE ION' 'O4 S -2'
#
# COMPACT_ATOMS: atom_id res chain seq x y z
N PRO A 7 12.26 20.34 8.07
CA PRO A 7 11.70 21.67 7.85
C PRO A 7 10.80 21.74 6.62
N GLU A 8 11.12 20.96 5.59
CA GLU A 8 10.30 20.95 4.39
C GLU A 8 8.97 20.25 4.61
N LEU A 9 8.92 19.30 5.56
CA LEU A 9 7.68 18.58 5.82
C LEU A 9 6.56 19.51 6.28
N ASP A 10 6.91 20.55 7.04
CA ASP A 10 5.89 21.49 7.51
C ASP A 10 5.23 22.20 6.33
N GLU A 11 6.02 22.55 5.31
CA GLU A 11 5.44 23.15 4.12
C GLU A 11 4.68 22.13 3.30
N LEU A 12 5.20 20.90 3.20
CA LEU A 12 4.51 19.84 2.49
C LEU A 12 3.19 19.47 3.16
N TRP A 13 3.18 19.46 4.50
CA TRP A 13 1.94 19.19 5.22
C TRP A 13 0.95 20.33 5.03
N LYS A 14 1.44 21.57 4.96
CA LYS A 14 0.56 22.70 4.68
C LYS A 14 -0.07 22.58 3.30
N ARG A 15 0.73 22.15 2.30
CA ARG A 15 0.18 21.95 0.97
C ARG A 15 -0.83 20.82 0.95
N VAL A 16 -0.53 19.71 1.62
CA VAL A 16 -1.46 18.58 1.66
C VAL A 16 -2.73 18.97 2.40
N LYS A 17 -2.60 19.68 3.52
CA LYS A 17 -3.77 20.12 4.27
C LYS A 17 -4.66 21.04 3.44
N LYS A 18 -4.04 21.89 2.61
CA LYS A 18 -4.82 22.78 1.76
C LYS A 18 -5.54 21.99 0.68
N LEU A 19 -4.93 20.91 0.18
CA LEU A 19 -5.58 20.12 -0.86
C LEU A 19 -6.73 19.30 -0.29
N VAL A 20 -6.58 18.78 0.93
CA VAL A 20 -7.66 18.02 1.56
C VAL A 20 -8.87 18.92 1.78
N THR A 21 -8.64 20.14 2.27
CA THR A 21 -9.74 21.07 2.51
C THR A 21 -10.51 21.37 1.23
N GLU A 22 -9.79 21.55 0.11
CA GLU A 22 -10.45 21.83 -1.15
C GLU A 22 -11.27 20.63 -1.63
N LEU A 23 -10.73 19.42 -1.48
CA LEU A 23 -11.46 18.24 -1.94
C LEU A 23 -12.67 17.95 -1.06
N LEU A 24 -12.58 18.23 0.24
CA LEU A 24 -13.73 18.06 1.11
C LEU A 24 -14.84 19.04 0.76
N GLU A 25 -14.47 20.27 0.38
CA GLU A 25 -15.46 21.25 -0.04
C GLU A 25 -16.09 20.84 -1.37
N GLN A 26 -15.29 20.31 -2.29
CA GLN A 26 -15.84 19.83 -3.55
C GLN A 26 -16.75 18.62 -3.32
N ALA A 27 -16.38 17.75 -2.39
CA ALA A 27 -17.23 16.60 -2.06
C ALA A 27 -18.53 17.04 -1.40
N GLU A 28 -18.47 18.07 -0.55
CA GLU A 28 -19.68 18.60 0.05
C GLU A 28 -20.55 19.34 -0.96
N ARG A 29 -19.93 19.90 -2.00
CA ARG A 29 -20.66 20.65 -3.00
C ARG A 29 -21.31 19.75 -4.04
N ALA A 30 -20.68 18.62 -4.36
CA ALA A 30 -21.22 17.72 -5.38
C ALA A 30 -22.48 17.03 -4.89
N GLY A 31 -23.37 16.71 -5.83
CA GLY A 31 -24.61 16.03 -5.51
C GLY A 31 -24.65 14.59 -5.98
N ASP A 32 -23.79 14.26 -6.93
CA ASP A 32 -23.71 12.89 -7.44
C ASP A 32 -22.99 12.01 -6.43
N PRO A 33 -23.62 10.96 -5.90
CA PRO A 33 -22.93 10.13 -4.88
C PRO A 33 -21.66 9.47 -5.39
N GLU A 34 -21.60 9.14 -6.68
CA GLU A 34 -20.38 8.57 -7.23
C GLU A 34 -19.25 9.60 -7.27
N GLU A 35 -19.58 10.85 -7.58
CA GLU A 35 -18.57 11.90 -7.58
C GLU A 35 -18.17 12.26 -6.16
N ILE A 36 -19.12 12.22 -5.22
CA ILE A 36 -18.81 12.52 -3.82
C ILE A 36 -17.79 11.53 -3.28
N PHE A 37 -17.99 10.24 -3.55
CA PHE A 37 -17.07 9.22 -3.04
C PHE A 37 -15.70 9.35 -3.67
N LYS A 38 -15.63 9.60 -4.98
CA LYS A 38 -14.35 9.71 -5.66
C LYS A 38 -13.55 10.90 -5.15
N LEU A 39 -14.23 12.00 -4.82
CA LEU A 39 -13.53 13.15 -4.25
C LEU A 39 -13.03 12.85 -2.86
N LEU A 40 -13.83 12.15 -2.05
CA LEU A 40 -13.39 11.79 -0.71
C LEU A 40 -12.24 10.78 -0.74
N GLU A 41 -12.18 9.94 -1.78
CA GLU A 41 -11.08 9.00 -1.90
C GLU A 41 -9.75 9.72 -2.07
N VAL A 42 -9.74 10.80 -2.86
CA VAL A 42 -8.51 11.55 -3.04
C VAL A 42 -8.14 12.29 -1.76
N ALA A 43 -9.14 12.79 -1.04
CA ALA A 43 -8.87 13.43 0.25
C ALA A 43 -8.27 12.43 1.24
N ALA A 44 -8.79 11.19 1.25
CA ALA A 44 -8.22 10.16 2.10
C ALA A 44 -6.80 9.82 1.64
N ALA A 45 -6.56 9.80 0.32
CA ALA A 45 -5.23 9.51 -0.19
C ALA A 45 -4.22 10.56 0.24
N LEU A 46 -4.65 11.82 0.30
CA LEU A 46 -3.74 12.89 0.73
C LEU A 46 -3.42 12.77 2.21
N VAL A 47 -4.39 12.36 3.02
CA VAL A 47 -4.14 12.17 4.44
C VAL A 47 -3.16 11.02 4.64
N PHE A 48 -3.28 9.95 3.86
CA PHE A 48 -2.33 8.85 3.96
C PHE A 48 -0.94 9.26 3.49
N LEU A 49 -0.87 10.17 2.51
CA LEU A 49 0.43 10.69 2.09
C LEU A 49 1.10 11.46 3.21
N ALA A 50 0.32 12.19 4.02
CA ALA A 50 0.87 12.88 5.17
C ALA A 50 1.39 11.89 6.21
N GLU A 51 0.71 10.76 6.36
CA GLU A 51 1.22 9.70 7.22
C GLU A 51 2.53 9.16 6.68
N MET A 52 2.66 9.05 5.36
CA MET A 52 3.93 8.64 4.77
C MET A 52 5.02 9.66 5.03
N PHE A 53 4.66 10.94 5.09
CA PHE A 53 5.65 11.97 5.43
C PHE A 53 6.23 11.72 6.82
N LEU A 54 5.37 11.37 7.79
CA LEU A 54 5.84 11.11 9.15
C LEU A 54 6.76 9.89 9.19
N ARG A 55 6.44 8.85 8.40
CA ARG A 55 7.31 7.69 8.34
C ARG A 55 8.63 8.03 7.67
N LEU A 56 8.61 8.89 6.66
CA LEU A 56 9.84 9.33 6.03
C LEU A 56 10.66 10.24 6.94
N ALA A 57 9.99 11.04 7.78
CA ALA A 57 10.70 11.89 8.73
C ALA A 57 11.37 11.05 9.81
N ALA A 58 10.69 10.01 10.29
CA ALA A 58 11.29 9.13 11.29
C ALA A 58 12.52 8.44 10.72
N ILE A 59 12.51 8.10 9.43
CA ILE A 59 13.69 7.52 8.80
C ILE A 59 14.83 8.55 8.75
N GLN A 60 14.49 9.79 8.40
CA GLN A 60 15.51 10.86 8.43
C GLN A 60 16.10 11.03 9.82
N GLU A 61 15.34 10.72 10.86
CA GLU A 61 15.79 10.95 12.23
C GLU A 61 16.81 9.93 12.68
N LYS A 62 16.77 8.71 12.15
CA LYS A 62 17.65 7.65 12.61
C LYS A 62 18.63 7.12 11.57
N ALA A 63 18.41 7.40 10.28
CA ALA A 63 19.30 6.91 9.24
C ALA A 63 20.55 7.76 9.18
N THR A 64 21.71 7.12 9.34
CA THR A 64 23.00 7.80 9.25
C THR A 64 23.65 7.63 7.90
N ASP A 65 23.04 6.87 6.99
CA ASP A 65 23.59 6.66 5.66
C ASP A 65 23.39 7.92 4.83
N PRO A 66 24.46 8.53 4.30
CA PRO A 66 24.28 9.69 3.42
C PRO A 66 23.42 9.40 2.20
N GLU A 67 23.44 8.16 1.72
CA GLU A 67 22.62 7.80 0.56
C GLU A 67 21.14 7.80 0.91
N ILE A 68 20.79 7.44 2.14
CA ILE A 68 19.39 7.46 2.55
C ILE A 68 18.90 8.88 2.74
N GLN A 69 19.75 9.74 3.30
CA GLN A 69 19.38 11.15 3.49
C GLN A 69 19.18 11.86 2.16
N GLU A 70 20.10 11.63 1.21
CA GLU A 70 19.98 12.29 -0.09
C GLU A 70 18.76 11.78 -0.85
N LEU A 71 18.52 10.47 -0.83
CA LEU A 71 17.37 9.92 -1.54
C LEU A 71 16.06 10.40 -0.93
N ALA A 72 16.03 10.62 0.39
CA ALA A 72 14.83 11.15 1.02
C ALA A 72 14.57 12.58 0.58
N GLU A 73 15.62 13.40 0.48
CA GLU A 73 15.45 14.77 0.01
C GLU A 73 15.05 14.81 -1.46
N ARG A 74 15.57 13.87 -2.26
CA ARG A 74 15.19 13.81 -3.67
C ARG A 74 13.73 13.45 -3.82
N VAL A 75 13.26 12.45 -3.07
CA VAL A 75 11.86 12.04 -3.14
C VAL A 75 10.97 13.18 -2.66
N LEU A 76 11.37 13.86 -1.58
CA LEU A 76 10.59 14.99 -1.08
C LEU A 76 10.55 16.13 -2.09
N ARG A 77 11.65 16.34 -2.81
CA ARG A 77 11.67 17.37 -3.85
C ARG A 77 10.70 17.03 -4.98
N LEU A 78 10.66 15.76 -5.39
CA LEU A 78 9.74 15.35 -6.45
C LEU A 78 8.30 15.43 -5.97
N ILE A 79 8.03 15.01 -4.73
CA ILE A 79 6.68 15.08 -4.20
C ILE A 79 6.20 16.53 -4.13
N LYS A 80 7.09 17.44 -3.74
CA LYS A 80 6.74 18.86 -3.69
C LYS A 80 6.31 19.38 -5.05
N ARG A 81 7.06 19.03 -6.10
CA ARG A 81 6.69 19.44 -7.45
C ARG A 81 5.35 18.86 -7.86
N LEU A 82 5.09 17.59 -7.49
CA LEU A 82 3.81 16.97 -7.83
C LEU A 82 2.67 17.64 -7.08
N LEU A 83 2.88 18.00 -5.81
CA LEU A 83 1.83 18.68 -5.06
C LEU A 83 1.59 20.08 -5.60
N GLU A 84 2.64 20.75 -6.06
CA GLU A 84 2.48 22.06 -6.69
C GLU A 84 1.63 21.94 -7.95
N GLU A 85 1.82 20.88 -8.72
CA GLU A 85 0.98 20.65 -9.90
C GLU A 85 -0.44 20.32 -9.51
N ALA A 86 -0.63 19.60 -8.39
CA ALA A 86 -1.98 19.28 -7.93
C ALA A 86 -2.73 20.53 -7.48
N GLU A 87 -2.01 21.52 -6.95
CA GLU A 87 -2.66 22.76 -6.53
C GLU A 87 -3.12 23.59 -7.72
N ARG A 88 -2.38 23.54 -8.83
CA ARG A 88 -2.75 24.28 -10.02
C ARG A 88 -3.76 23.51 -10.88
N ALA A 89 -3.85 22.20 -10.72
CA ALA A 89 -4.75 21.39 -11.54
C ALA A 89 -6.19 21.55 -11.06
N GLY A 90 -7.10 21.64 -12.02
CA GLY A 90 -8.52 21.78 -11.71
C GLY A 90 -9.29 20.49 -11.90
N ASP A 91 -8.63 19.48 -12.47
CA ASP A 91 -9.25 18.19 -12.70
C ASP A 91 -8.96 17.27 -11.51
N PRO A 92 -9.99 16.80 -10.78
CA PRO A 92 -9.73 15.87 -9.67
C PRO A 92 -9.06 14.58 -10.09
N ARG A 93 -9.17 14.17 -11.36
CA ARG A 93 -8.48 12.97 -11.82
C ARG A 93 -6.99 13.21 -11.92
N ARG A 94 -6.58 14.42 -12.34
CA ARG A 94 -5.16 14.74 -12.35
C ARG A 94 -4.61 14.82 -10.93
N ILE A 95 -5.36 15.43 -10.01
CA ILE A 95 -4.93 15.49 -8.61
C ILE A 95 -4.78 14.08 -8.05
N ARG A 96 -5.73 13.20 -8.36
CA ARG A 96 -5.68 11.83 -7.87
C ARG A 96 -4.43 11.12 -8.39
N GLU A 97 -4.13 11.28 -9.69
CA GLU A 97 -2.95 10.65 -10.25
C GLU A 97 -1.67 11.20 -9.64
N LEU A 98 -1.62 12.52 -9.43
CA LEU A 98 -0.44 13.12 -8.83
C LEU A 98 -0.24 12.67 -7.38
N VAL A 99 -1.33 12.56 -6.63
CA VAL A 99 -1.23 12.13 -5.23
C VAL A 99 -0.80 10.68 -5.15
N GLU A 100 -1.30 9.84 -6.06
CA GLU A 100 -0.93 8.43 -6.05
C GLU A 100 0.55 8.26 -6.38
N VAL A 101 1.08 9.07 -7.30
CA VAL A 101 2.50 8.98 -7.63
C VAL A 101 3.35 9.44 -6.45
N ALA A 102 2.94 10.52 -5.78
CA ALA A 102 3.67 11.00 -4.62
C ALA A 102 3.69 9.97 -3.50
N SER A 103 2.57 9.27 -3.29
CA SER A 103 2.54 8.21 -2.29
C SER A 103 3.46 7.06 -2.68
N GLN A 104 3.52 6.73 -3.98
CA GLN A 104 4.44 5.71 -4.45
C GLN A 104 5.89 6.15 -4.26
N LEU A 105 6.16 7.44 -4.44
CA LEU A 105 7.50 7.96 -4.20
C LEU A 105 7.87 7.88 -2.72
N ALA A 106 6.91 8.13 -1.83
CA ALA A 106 7.18 8.05 -0.41
C ALA A 106 7.49 6.62 0.03
N PHE A 107 6.76 5.64 -0.52
CA PHE A 107 7.03 4.25 -0.20
C PHE A 107 8.33 3.77 -0.82
N LEU A 108 8.74 4.36 -1.95
CA LEU A 108 10.03 4.03 -2.55
C LEU A 108 11.16 4.29 -1.58
N LEU A 109 11.12 5.42 -0.87
CA LEU A 109 12.14 5.72 0.13
C LEU A 109 12.12 4.70 1.26
N GLU A 110 10.92 4.37 1.76
CA GLU A 110 10.81 3.43 2.86
C GLU A 110 11.32 2.05 2.47
N LEU A 111 10.96 1.59 1.26
CA LEU A 111 11.47 0.31 0.78
C LEU A 111 12.97 0.37 0.57
N PHE A 112 13.47 1.47 0.00
CA PHE A 112 14.91 1.61 -0.20
C PHE A 112 15.66 1.59 1.12
N TYR A 113 15.10 2.22 2.16
CA TYR A 113 15.75 2.22 3.47
C TYR A 113 15.75 0.81 4.07
N ARG A 114 14.60 0.13 4.01
CA ARG A 114 14.52 -1.22 4.58
C ARG A 114 15.37 -2.20 3.80
N LEU A 115 15.42 -2.06 2.47
CA LEU A 115 16.22 -2.97 1.66
C LEU A 115 17.71 -2.73 1.88
N LYS A 116 18.12 -1.47 2.01
CA LYS A 116 19.53 -1.17 2.27
C LYS A 116 19.95 -1.60 3.67
N GLU A 117 19.00 -1.69 4.61
CA GLU A 117 19.34 -2.16 5.95
C GLU A 117 19.65 -3.65 5.95
N ILE A 118 18.94 -4.42 5.14
CA ILE A 118 19.18 -5.86 5.06
C ILE A 118 20.46 -6.15 4.28
N GLN A 119 20.70 -5.38 3.21
CA GLN A 119 21.92 -5.59 2.42
C GLN A 119 23.16 -5.25 3.23
N GLU A 120 23.09 -4.20 4.06
CA GLU A 120 24.20 -3.87 4.93
C GLU A 120 24.42 -4.91 6.02
N ARG A 121 23.39 -5.67 6.36
CA ARG A 121 23.50 -6.72 7.37
C ARG A 121 23.77 -8.09 6.76
N ALA A 122 23.64 -8.23 5.45
CA ALA A 122 23.90 -9.50 4.78
C ALA A 122 25.36 -9.61 4.40
N THR A 123 25.85 -10.85 4.33
CA THR A 123 27.25 -11.13 4.01
C THR A 123 27.43 -11.84 2.68
N ASP A 124 26.37 -12.35 2.07
CA ASP A 124 26.49 -13.06 0.80
C ASP A 124 26.89 -12.08 -0.30
N PRO A 125 28.04 -12.26 -0.96
CA PRO A 125 28.42 -11.33 -2.04
C PRO A 125 27.47 -11.36 -3.21
N GLU A 126 26.85 -12.50 -3.50
CA GLU A 126 25.84 -12.54 -4.56
C GLU A 126 24.61 -11.72 -4.18
N ILE A 127 24.26 -11.71 -2.90
CA ILE A 127 23.16 -10.87 -2.44
C ILE A 127 23.54 -9.40 -2.52
N GLN A 128 24.78 -9.06 -2.13
CA GLN A 128 25.24 -7.69 -2.23
C GLN A 128 25.37 -7.25 -3.69
N GLU A 129 25.84 -8.15 -4.56
CA GLU A 129 25.98 -7.82 -5.97
C GLU A 129 24.63 -7.59 -6.63
N LEU A 130 23.64 -8.43 -6.29
CA LEU A 130 22.31 -8.25 -6.87
C LEU A 130 21.64 -6.99 -6.35
N ALA A 131 21.84 -6.68 -5.06
CA ALA A 131 21.27 -5.46 -4.50
C ALA A 131 21.88 -4.22 -5.14
N GLU A 132 23.18 -4.26 -5.42
CA GLU A 132 23.83 -3.12 -6.07
C GLU A 132 23.36 -2.95 -7.50
N ARG A 133 23.06 -4.06 -8.19
CA ARG A 133 22.56 -3.96 -9.56
C ARG A 133 21.13 -3.41 -9.59
N VAL A 134 20.30 -3.86 -8.65
CA VAL A 134 18.93 -3.37 -8.60
C VAL A 134 18.90 -1.90 -8.18
N LEU A 135 19.77 -1.52 -7.23
CA LEU A 135 19.81 -0.13 -6.78
C LEU A 135 20.26 0.80 -7.89
N ARG A 136 21.21 0.36 -8.72
CA ARG A 136 21.65 1.20 -9.83
C ARG A 136 20.54 1.38 -10.86
N LEU A 137 19.72 0.35 -11.08
CA LEU A 137 18.62 0.47 -12.02
C LEU A 137 17.51 1.37 -11.46
N ILE A 138 17.23 1.25 -10.17
CA ILE A 138 16.23 2.10 -9.54
C ILE A 138 16.68 3.55 -9.56
N LYS A 139 17.96 3.80 -9.29
CA LYS A 139 18.48 5.15 -9.38
C LYS A 139 18.40 5.69 -10.81
N LYS A 140 18.57 4.81 -11.81
CA LYS A 140 18.40 5.22 -13.20
C LYS A 140 16.95 5.56 -13.48
N LEU A 141 16.01 4.82 -12.89
CA LEU A 141 14.59 5.12 -13.07
C LEU A 141 14.21 6.40 -12.32
N LEU A 142 14.79 6.60 -11.14
CA LEU A 142 14.48 7.81 -10.37
C LEU A 142 14.98 9.06 -11.08
N LYS A 143 16.15 8.98 -11.71
CA LYS A 143 16.66 10.12 -12.46
C LYS A 143 15.78 10.42 -13.67
N ALA A 144 15.31 9.38 -14.36
CA ALA A 144 14.40 9.60 -15.49
C ALA A 144 13.07 10.17 -15.03
N ALA A 145 12.62 9.82 -13.82
CA ALA A 145 11.38 10.39 -13.29
C ALA A 145 11.57 11.86 -12.91
N GLU A 146 12.78 12.23 -12.46
CA GLU A 146 13.05 13.63 -12.14
C GLU A 146 13.10 14.49 -13.39
N GLU A 147 13.45 13.91 -14.53
CA GLU A 147 13.58 14.67 -15.77
C GLU A 147 12.29 14.74 -16.57
N ALA A 148 11.35 13.82 -16.32
CA ALA A 148 10.11 13.78 -17.09
C ALA A 148 9.16 14.87 -16.63
N GLY A 149 8.32 15.33 -17.57
CA GLY A 149 7.30 16.31 -17.26
C GLY A 149 5.91 15.70 -17.29
N ASP A 150 5.77 14.60 -18.01
CA ASP A 150 4.52 13.86 -18.05
C ASP A 150 4.32 13.12 -16.73
N PRO A 151 3.27 13.40 -15.96
CA PRO A 151 3.06 12.64 -14.71
C PRO A 151 2.68 11.19 -14.94
N ARG A 152 2.23 10.81 -16.14
CA ARG A 152 2.02 9.40 -16.46
C ARG A 152 3.34 8.71 -16.75
N LYS A 153 4.32 9.42 -17.31
CA LYS A 153 5.65 8.85 -17.50
C LYS A 153 6.36 8.67 -16.16
N ILE A 154 6.17 9.63 -15.24
CA ILE A 154 6.71 9.48 -13.90
C ILE A 154 6.06 8.30 -13.19
N HIS A 155 4.76 8.12 -13.40
CA HIS A 155 4.06 7.00 -12.77
C HIS A 155 4.62 5.66 -13.21
N LYS A 156 4.98 5.55 -14.50
CA LYS A 156 5.53 4.29 -15.00
C LYS A 156 6.91 4.01 -14.43
N LEU A 157 7.77 5.03 -14.40
CA LEU A 157 9.13 4.83 -13.91
C LEU A 157 9.14 4.52 -12.41
N VAL A 158 8.28 5.20 -11.64
CA VAL A 158 8.21 4.94 -10.21
C VAL A 158 7.60 3.56 -9.94
N PHE A 159 6.60 3.17 -10.75
CA PHE A 159 5.98 1.86 -10.58
C PHE A 159 6.99 0.74 -10.77
N VAL A 160 7.81 0.84 -11.82
CA VAL A 160 8.80 -0.20 -12.08
C VAL A 160 9.81 -0.26 -10.95
N ALA A 161 10.22 0.90 -10.43
CA ALA A 161 11.19 0.93 -9.33
C ALA A 161 10.64 0.28 -8.07
N ILE A 162 9.32 0.38 -7.86
CA ILE A 162 8.72 -0.23 -6.67
C ILE A 162 8.64 -1.74 -6.83
N VAL A 163 8.24 -2.22 -8.02
CA VAL A 163 8.22 -3.65 -8.27
C VAL A 163 9.63 -4.23 -8.17
N LEU A 164 10.63 -3.45 -8.60
CA LEU A 164 12.01 -3.89 -8.49
C LEU A 164 12.42 -4.04 -7.02
N LEU A 165 11.98 -3.10 -6.18
CA LEU A 165 12.24 -3.23 -4.73
C LEU A 165 11.52 -4.44 -4.16
N PHE A 166 10.31 -4.74 -4.64
CA PHE A 166 9.61 -5.94 -4.23
C PHE A 166 10.39 -7.19 -4.62
N LEU A 167 10.96 -7.19 -5.83
CA LEU A 167 11.76 -8.33 -6.27
C LEU A 167 13.01 -8.51 -5.40
N LEU A 168 13.66 -7.40 -5.06
CA LEU A 168 14.84 -7.50 -4.20
C LEU A 168 14.49 -8.03 -2.82
N GLN A 169 13.31 -7.67 -2.31
CA GLN A 169 12.89 -8.16 -1.02
C GLN A 169 12.64 -9.67 -1.05
N THR A 170 12.00 -10.17 -2.11
CA THR A 170 11.78 -11.60 -2.22
C THR A 170 13.07 -12.36 -2.47
N PHE A 171 14.06 -11.70 -3.09
CA PHE A 171 15.37 -12.34 -3.25
C PHE A 171 16.04 -12.56 -1.90
N TYR A 172 15.79 -11.67 -0.93
CA TYR A 172 16.30 -11.88 0.42
C TYR A 172 15.64 -13.08 1.08
N ARG A 173 14.32 -13.16 1.00
CA ARG A 173 13.60 -14.29 1.60
C ARG A 173 14.00 -15.61 0.94
N LEU A 174 14.20 -15.60 -0.37
CA LEU A 174 14.58 -16.82 -1.07
C LEU A 174 15.95 -17.31 -0.62
N LYS A 175 16.88 -16.38 -0.37
CA LYS A 175 18.17 -16.76 0.18
C LYS A 175 18.05 -17.19 1.64
N GLU A 176 17.09 -16.60 2.37
CA GLU A 176 16.86 -17.03 3.74
C GLU A 176 16.21 -18.41 3.78
N ILE A 177 15.26 -18.67 2.89
CA ILE A 177 14.63 -19.99 2.82
C ILE A 177 15.67 -21.05 2.53
N GLN A 178 16.59 -20.78 1.60
CA GLN A 178 17.60 -21.76 1.23
C GLN A 178 18.59 -21.99 2.36
N GLU A 179 19.03 -20.93 3.02
CA GLU A 179 20.01 -21.06 4.09
C GLU A 179 19.46 -21.77 5.32
N LYS A 180 18.14 -21.94 5.43
CA LYS A 180 17.52 -22.60 6.58
C LYS A 180 16.71 -23.82 6.16
N ALA A 181 16.91 -24.33 4.94
CA ALA A 181 16.15 -25.46 4.43
C ALA A 181 16.90 -26.75 4.72
N THR A 182 16.19 -27.74 5.27
CA THR A 182 16.82 -29.02 5.57
C THR A 182 16.81 -29.94 4.36
N ASP A 183 15.74 -29.93 3.57
CA ASP A 183 15.61 -30.79 2.41
C ASP A 183 16.68 -30.44 1.38
N PRO A 184 17.54 -31.39 0.99
CA PRO A 184 18.62 -31.05 0.05
C PRO A 184 18.12 -30.58 -1.31
N GLU A 185 17.00 -31.12 -1.79
CA GLU A 185 16.46 -30.70 -3.08
C GLU A 185 15.75 -29.37 -3.02
N ILE A 186 15.36 -28.92 -1.82
CA ILE A 186 14.76 -27.60 -1.70
C ILE A 186 15.82 -26.51 -1.81
N GLN A 187 17.01 -26.75 -1.25
CA GLN A 187 18.12 -25.82 -1.44
C GLN A 187 18.54 -25.74 -2.90
N ARG A 188 18.43 -26.85 -3.64
CA ARG A 188 18.79 -26.83 -5.05
C ARG A 188 17.73 -26.12 -5.89
N LYS A 189 16.45 -26.36 -5.58
CA LYS A 189 15.38 -25.69 -6.31
C LYS A 189 15.43 -24.18 -6.08
N ALA A 190 15.73 -23.76 -4.85
CA ALA A 190 15.91 -22.34 -4.58
C ALA A 190 17.09 -21.78 -5.35
N GLN A 191 18.21 -22.52 -5.39
CA GLN A 191 19.37 -22.09 -6.17
C GLN A 191 19.01 -21.92 -7.63
N GLU A 192 18.20 -22.83 -8.18
CA GLU A 192 17.76 -22.69 -9.56
C GLU A 192 16.94 -21.43 -9.76
N VAL A 193 15.94 -21.22 -8.88
CA VAL A 193 15.09 -20.03 -8.99
C VAL A 193 15.93 -18.76 -8.79
N LEU A 194 16.89 -18.81 -7.86
CA LEU A 194 17.75 -17.64 -7.64
C LEU A 194 18.56 -17.32 -8.89
N GLU A 195 19.04 -18.35 -9.59
CA GLU A 195 19.81 -18.11 -10.81
C GLU A 195 18.92 -17.66 -11.97
N LYS A 196 17.65 -18.10 -11.99
CA LYS A 196 16.74 -17.62 -13.01
C LYS A 196 16.39 -16.15 -12.79
N ILE A 197 16.26 -15.74 -11.53
CA ILE A 197 15.98 -14.34 -11.24
C ILE A 197 17.16 -13.46 -11.64
N LYS A 198 18.39 -13.96 -11.42
CA LYS A 198 19.57 -13.21 -11.85
C LYS A 198 19.59 -13.02 -13.35
N ARG A 199 19.22 -14.05 -14.11
CA ARG A 199 19.19 -13.94 -15.57
C ARG A 199 18.14 -12.94 -16.02
N LEU A 200 16.97 -12.93 -15.36
CA LEU A 200 15.93 -11.97 -15.72
C LEU A 200 16.30 -10.55 -15.29
N LEU A 201 17.02 -10.42 -14.18
CA LEU A 201 17.47 -9.10 -13.75
C LEU A 201 18.52 -8.53 -14.71
N GLU A 202 19.33 -9.40 -15.32
CA GLU A 202 20.31 -8.93 -16.29
C GLU A 202 19.63 -8.42 -17.55
N ALA A 203 18.55 -9.07 -17.97
CA ALA A 203 17.81 -8.61 -19.14
C ALA A 203 17.05 -7.33 -18.86
N ALA A 204 16.61 -7.13 -17.61
CA ALA A 204 15.92 -5.90 -17.25
C ALA A 204 16.88 -4.71 -17.27
N GLU A 205 18.11 -4.91 -16.81
CA GLU A 205 19.10 -3.83 -16.82
C GLU A 205 19.50 -3.43 -18.23
N ARG A 206 19.35 -4.32 -19.20
CA ARG A 206 19.70 -4.03 -20.59
C ARG A 206 18.48 -3.65 -21.43
N ALA A 207 17.33 -3.41 -20.80
CA ALA A 207 16.13 -2.99 -21.49
C ALA A 207 15.98 -1.47 -21.40
N GLY A 208 15.44 -0.89 -22.47
CA GLY A 208 15.27 0.55 -22.52
C GLY A 208 13.88 1.01 -22.13
N ASP A 209 12.87 0.23 -22.47
CA ASP A 209 11.50 0.63 -22.15
C ASP A 209 11.13 0.15 -20.75
N PRO A 210 10.47 1.01 -19.97
CA PRO A 210 10.00 0.58 -18.64
C PRO A 210 9.06 -0.61 -18.69
N ALA A 211 8.27 -0.73 -19.77
CA ALA A 211 7.37 -1.88 -19.88
C ALA A 211 8.15 -3.18 -20.07
N LYS A 212 9.26 -3.12 -20.81
CA LYS A 212 10.09 -4.31 -20.98
C LYS A 212 10.79 -4.68 -19.68
N ILE A 213 11.20 -3.69 -18.90
CA ILE A 213 11.79 -3.97 -17.59
C ILE A 213 10.76 -4.60 -16.67
N LEU A 214 9.54 -4.05 -16.65
CA LEU A 214 8.50 -4.56 -15.78
C LEU A 214 8.14 -6.00 -16.12
N LEU A 215 8.15 -6.34 -17.41
CA LEU A 215 7.85 -7.71 -17.82
C LEU A 215 8.88 -8.69 -17.27
N TYR A 216 10.16 -8.31 -17.31
CA TYR A 216 11.20 -9.18 -16.77
C TYR A 216 11.09 -9.33 -15.26
N VAL A 217 10.74 -8.25 -14.57
CA VAL A 217 10.63 -8.29 -13.11
C VAL A 217 9.42 -9.12 -12.69
N ILE A 218 8.31 -8.96 -13.40
CA ILE A 218 7.11 -9.75 -13.07
C ILE A 218 7.38 -11.23 -13.24
N ARG A 219 8.08 -11.61 -14.31
CA ARG A 219 8.42 -13.01 -14.52
C ARG A 219 9.33 -13.54 -13.41
N ALA A 220 10.26 -12.70 -12.95
CA ALA A 220 11.13 -13.11 -11.84
C ALA A 220 10.36 -13.19 -10.53
N LEU A 221 9.38 -12.31 -10.33
CA LEU A 221 8.57 -12.38 -9.12
C LEU A 221 7.65 -13.59 -9.13
N LEU A 222 7.31 -14.09 -10.32
CA LEU A 222 6.48 -15.29 -10.40
C LEU A 222 7.22 -16.52 -9.87
N LEU A 223 8.47 -16.69 -10.28
CA LEU A 223 9.25 -17.84 -9.82
C LEU A 223 9.56 -17.72 -8.33
N ALA A 224 9.85 -16.52 -7.85
CA ALA A 224 10.15 -16.34 -6.43
C ALA A 224 8.93 -16.61 -5.55
N MET A 225 7.73 -16.27 -6.04
CA MET A 225 6.52 -16.52 -5.27
C MET A 225 6.14 -17.99 -5.26
N GLU A 226 6.59 -18.76 -6.24
CA GLU A 226 6.35 -20.20 -6.23
C GLU A 226 7.00 -20.86 -5.03
N LEU A 227 8.30 -20.60 -4.84
CA LEU A 227 9.01 -21.20 -3.71
C LEU A 227 8.57 -20.61 -2.38
N LYS A 228 8.12 -19.34 -2.38
CA LYS A 228 7.62 -18.74 -1.15
C LYS A 228 6.35 -19.42 -0.68
N PHE A 229 5.54 -19.94 -1.60
CA PHE A 229 4.32 -20.65 -1.21
C PHE A 229 4.62 -22.11 -0.90
N ALA A 230 5.54 -22.73 -1.64
CA ALA A 230 5.92 -24.12 -1.40
C ALA A 230 6.99 -24.17 -0.31
N TYR A 231 6.58 -23.79 0.89
CA TYR A 231 7.48 -23.78 2.04
C TYR A 231 6.68 -23.74 3.34
N PRO B 7 -3.19 -25.40 3.42
CA PRO B 7 -4.58 -24.97 3.54
C PRO B 7 -5.18 -24.54 2.20
N GLU B 8 -6.16 -23.65 2.24
CA GLU B 8 -6.79 -23.14 1.01
C GLU B 8 -5.94 -22.12 0.28
N LEU B 9 -4.78 -21.74 0.83
CA LEU B 9 -3.90 -20.81 0.14
C LEU B 9 -3.17 -21.46 -1.02
N ASP B 10 -3.03 -22.78 -1.01
CA ASP B 10 -2.37 -23.47 -2.13
C ASP B 10 -3.16 -23.34 -3.42
N GLU B 11 -4.49 -23.34 -3.33
CA GLU B 11 -5.34 -23.17 -4.50
C GLU B 11 -5.59 -21.71 -4.85
N LEU B 12 -5.60 -20.83 -3.84
CA LEU B 12 -5.71 -19.40 -4.12
C LEU B 12 -4.51 -18.90 -4.91
N TRP B 13 -3.31 -19.38 -4.55
CA TRP B 13 -2.12 -19.04 -5.33
C TRP B 13 -2.18 -19.65 -6.72
N LYS B 14 -2.75 -20.85 -6.85
CA LYS B 14 -2.90 -21.47 -8.16
C LYS B 14 -3.79 -20.62 -9.06
N ARG B 15 -4.82 -20.00 -8.50
CA ARG B 15 -5.65 -19.09 -9.28
C ARG B 15 -4.88 -17.81 -9.62
N VAL B 16 -4.05 -17.34 -8.69
CA VAL B 16 -3.30 -16.11 -8.93
C VAL B 16 -2.26 -16.32 -10.04
N LYS B 17 -1.51 -17.42 -9.95
CA LYS B 17 -0.46 -17.67 -10.95
C LYS B 17 -1.06 -17.90 -12.34
N LYS B 18 -2.29 -18.42 -12.41
CA LYS B 18 -2.92 -18.62 -13.71
C LYS B 18 -3.33 -17.28 -14.33
N LEU B 19 -3.83 -16.36 -13.52
CA LEU B 19 -4.24 -15.06 -14.05
C LEU B 19 -3.05 -14.22 -14.49
N VAL B 20 -1.89 -14.40 -13.87
CA VAL B 20 -0.72 -13.61 -14.23
C VAL B 20 -0.23 -13.96 -15.62
N THR B 21 -0.16 -15.27 -15.92
CA THR B 21 0.26 -15.68 -17.26
C THR B 21 -0.74 -15.24 -18.33
N GLU B 22 -2.03 -15.24 -18.00
CA GLU B 22 -3.04 -14.77 -18.95
C GLU B 22 -2.85 -13.28 -19.24
N LEU B 23 -2.55 -12.48 -18.20
CA LEU B 23 -2.30 -11.07 -18.43
C LEU B 23 -0.96 -10.83 -19.11
N LEU B 24 0.02 -11.70 -18.87
CA LEU B 24 1.30 -11.60 -19.55
C LEU B 24 1.15 -11.84 -21.05
N GLU B 25 0.37 -12.87 -21.43
CA GLU B 25 0.16 -13.15 -22.84
C GLU B 25 -0.69 -12.06 -23.49
N GLN B 26 -1.64 -11.48 -22.75
CA GLN B 26 -2.46 -10.41 -23.30
C GLN B 26 -1.64 -9.15 -23.56
N ALA B 27 -0.56 -8.95 -22.78
CA ALA B 27 0.28 -7.78 -22.98
C ALA B 27 1.13 -7.91 -24.25
N GLU B 28 1.46 -9.14 -24.65
CA GLU B 28 2.25 -9.32 -25.85
C GLU B 28 1.43 -9.09 -27.12
N ARG B 29 0.15 -9.45 -27.09
CA ARG B 29 -0.73 -9.27 -28.23
C ARG B 29 -1.38 -7.88 -28.27
N ALA B 30 -0.87 -6.94 -27.48
CA ALA B 30 -1.38 -5.57 -27.46
C ALA B 30 -0.41 -4.63 -28.18
N GLY B 31 -0.97 -3.61 -28.82
CA GLY B 31 -0.17 -2.67 -29.57
C GLY B 31 0.04 -1.35 -28.86
N ASP B 32 -1.00 -0.86 -28.20
CA ASP B 32 -0.90 0.40 -27.48
C ASP B 32 0.04 0.25 -26.30
N PRO B 33 1.12 1.03 -26.21
CA PRO B 33 2.03 0.91 -25.05
C PRO B 33 1.34 1.22 -23.73
N GLU B 34 0.36 2.12 -23.73
CA GLU B 34 -0.40 2.38 -22.52
C GLU B 34 -1.23 1.17 -22.12
N GLU B 35 -1.79 0.46 -23.10
CA GLU B 35 -2.54 -0.76 -22.82
C GLU B 35 -1.61 -1.87 -22.35
N ILE B 36 -0.40 -1.93 -22.90
CA ILE B 36 0.57 -2.95 -22.49
C ILE B 36 0.96 -2.75 -21.03
N PHE B 37 1.24 -1.50 -20.65
CA PHE B 37 1.68 -1.22 -19.29
C PHE B 37 0.55 -1.45 -18.28
N LYS B 38 -0.69 -1.12 -18.66
CA LYS B 38 -1.81 -1.34 -17.76
C LYS B 38 -2.02 -2.81 -17.47
N LEU B 39 -1.80 -3.68 -18.47
CA LEU B 39 -1.93 -5.10 -18.26
C LEU B 39 -0.82 -5.64 -17.37
N LEU B 40 0.40 -5.09 -17.52
CA LEU B 40 1.50 -5.50 -16.65
C LEU B 40 1.28 -5.03 -15.22
N GLU B 41 0.66 -3.87 -15.04
CA GLU B 41 0.37 -3.38 -13.69
C GLU B 41 -0.59 -4.32 -12.97
N VAL B 42 -1.56 -4.86 -13.69
CA VAL B 42 -2.53 -5.78 -13.07
C VAL B 42 -1.85 -7.10 -12.73
N ALA B 43 -0.97 -7.58 -13.62
CA ALA B 43 -0.27 -8.83 -13.34
C ALA B 43 0.65 -8.69 -12.14
N ALA B 44 1.34 -7.55 -12.03
CA ALA B 44 2.19 -7.32 -10.86
C ALA B 44 1.37 -7.12 -9.59
N ALA B 45 0.16 -6.56 -9.71
CA ALA B 45 -0.71 -6.41 -8.55
C ALA B 45 -1.19 -7.78 -8.04
N LEU B 46 -1.29 -8.76 -8.93
CA LEU B 46 -1.68 -10.10 -8.49
C LEU B 46 -0.57 -10.78 -7.72
N VAL B 47 0.68 -10.53 -8.10
CA VAL B 47 1.81 -11.10 -7.37
C VAL B 47 1.87 -10.51 -5.97
N PHE B 48 1.72 -9.17 -5.86
CA PHE B 48 1.66 -8.54 -4.55
C PHE B 48 0.47 -9.04 -3.75
N LEU B 49 -0.63 -9.37 -4.43
CA LEU B 49 -1.79 -9.95 -3.77
C LEU B 49 -1.41 -11.28 -3.11
N ALA B 50 -0.66 -12.12 -3.81
CA ALA B 50 -0.25 -13.40 -3.26
C ALA B 50 0.67 -13.23 -2.06
N GLU B 51 1.43 -12.13 -2.01
CA GLU B 51 2.28 -11.87 -0.85
C GLU B 51 1.45 -11.58 0.40
N MET B 52 0.30 -10.92 0.23
CA MET B 52 -0.58 -10.64 1.36
C MET B 52 -1.17 -11.92 1.94
N PHE B 53 -1.21 -13.00 1.17
CA PHE B 53 -1.71 -14.27 1.68
C PHE B 53 -0.83 -14.83 2.79
N LEU B 54 0.46 -14.49 2.79
CA LEU B 54 1.39 -14.98 3.79
C LEU B 54 1.16 -14.36 5.16
N ARG B 55 0.30 -13.34 5.26
CA ARG B 55 -0.05 -12.76 6.55
C ARG B 55 -1.13 -13.55 7.28
N LEU B 56 -1.76 -14.52 6.60
CA LEU B 56 -2.85 -15.27 7.23
C LEU B 56 -2.33 -16.17 8.34
N ALA B 57 -1.12 -16.70 8.22
CA ALA B 57 -0.57 -17.57 9.26
C ALA B 57 -0.45 -16.83 10.59
N ALA B 58 -0.02 -15.58 10.55
CA ALA B 58 0.06 -14.79 11.78
C ALA B 58 -1.33 -14.44 12.30
N ILE B 59 -2.27 -14.18 11.39
CA ILE B 59 -3.64 -13.87 11.81
C ILE B 59 -4.30 -15.09 12.43
N GLN B 60 -3.97 -16.29 11.94
CA GLN B 60 -4.57 -17.53 12.45
C GLN B 60 -3.95 -18.02 13.75
N GLU B 61 -2.98 -17.29 14.31
CA GLU B 61 -2.37 -17.72 15.55
C GLU B 61 -3.37 -17.66 16.70
N LYS B 62 -3.06 -18.41 17.77
CA LYS B 62 -4.00 -18.52 18.89
C LYS B 62 -4.17 -17.19 19.62
N ALA B 63 -3.16 -16.32 19.56
CA ALA B 63 -3.21 -15.05 20.29
C ALA B 63 -4.07 -14.01 19.60
N THR B 64 -4.40 -14.19 18.32
CA THR B 64 -5.16 -13.19 17.60
C THR B 64 -6.61 -13.18 18.03
N ASP B 65 -7.18 -11.98 18.16
CA ASP B 65 -8.58 -11.79 18.48
C ASP B 65 -9.46 -12.54 17.48
N PRO B 66 -10.32 -13.46 17.93
CA PRO B 66 -11.15 -14.21 16.99
C PRO B 66 -12.03 -13.34 16.10
N GLU B 67 -12.31 -12.10 16.50
CA GLU B 67 -13.05 -11.20 15.63
C GLU B 67 -12.24 -10.84 14.38
N ILE B 68 -10.94 -10.65 14.54
CA ILE B 68 -10.08 -10.36 13.39
C ILE B 68 -9.95 -11.60 12.50
N GLN B 69 -9.91 -12.79 13.12
CA GLN B 69 -9.78 -14.01 12.35
C GLN B 69 -11.01 -14.25 11.47
N GLU B 70 -12.20 -14.01 12.02
CA GLU B 70 -13.42 -14.18 11.24
C GLU B 70 -13.51 -13.16 10.11
N LEU B 71 -13.02 -11.94 10.34
CA LEU B 71 -13.03 -10.94 9.28
C LEU B 71 -12.01 -11.27 8.20
N ALA B 72 -10.85 -11.83 8.60
CA ALA B 72 -9.87 -12.27 7.62
C ALA B 72 -10.40 -13.42 6.78
N GLU B 73 -11.21 -14.30 7.38
CA GLU B 73 -11.79 -15.40 6.63
C GLU B 73 -12.84 -14.91 5.63
N ARG B 74 -13.65 -13.92 6.03
CA ARG B 74 -14.60 -13.32 5.10
C ARG B 74 -13.88 -12.64 3.95
N VAL B 75 -12.72 -12.02 4.23
CA VAL B 75 -11.96 -11.34 3.19
C VAL B 75 -11.36 -12.35 2.22
N LEU B 76 -10.89 -13.49 2.74
CA LEU B 76 -10.33 -14.51 1.87
C LEU B 76 -11.39 -15.09 0.94
N ARG B 77 -12.61 -15.27 1.44
CA ARG B 77 -13.68 -15.78 0.59
C ARG B 77 -14.07 -14.75 -0.47
N LEU B 78 -14.06 -13.46 -0.12
CA LEU B 78 -14.34 -12.42 -1.09
C LEU B 78 -13.26 -12.35 -2.15
N ILE B 79 -11.99 -12.53 -1.77
CA ILE B 79 -10.90 -12.51 -2.73
C ILE B 79 -11.02 -13.67 -3.70
N LYS B 80 -11.30 -14.87 -3.18
CA LYS B 80 -11.48 -16.03 -4.05
C LYS B 80 -12.64 -15.84 -4.99
N ARG B 81 -13.73 -15.23 -4.51
CA ARG B 81 -14.88 -14.98 -5.38
C ARG B 81 -14.52 -14.03 -6.51
N LEU B 82 -13.75 -12.98 -6.21
CA LEU B 82 -13.39 -12.01 -7.24
C LEU B 82 -12.38 -12.57 -8.23
N LEU B 83 -11.47 -13.42 -7.77
CA LEU B 83 -10.53 -14.05 -8.69
C LEU B 83 -11.23 -15.05 -9.60
N GLU B 84 -12.26 -15.74 -9.07
CA GLU B 84 -13.05 -16.63 -9.90
C GLU B 84 -13.80 -15.86 -10.98
N GLU B 85 -14.34 -14.69 -10.63
CA GLU B 85 -15.03 -13.86 -11.61
C GLU B 85 -14.06 -13.32 -12.65
N ALA B 86 -12.82 -13.01 -12.25
CA ALA B 86 -11.84 -12.50 -13.19
C ALA B 86 -11.53 -13.51 -14.28
N GLU B 87 -11.61 -14.80 -13.97
CA GLU B 87 -11.41 -15.83 -14.98
C GLU B 87 -12.62 -16.01 -15.89
N ARG B 88 -13.75 -15.38 -15.56
CA ARG B 88 -14.95 -15.40 -16.38
C ARG B 88 -15.28 -13.98 -16.86
N ALA B 89 -14.23 -13.21 -17.16
CA ALA B 89 -14.36 -11.86 -17.66
C ALA B 89 -13.42 -11.67 -18.84
N GLY B 90 -13.89 -10.95 -19.86
CA GLY B 90 -13.10 -10.71 -21.05
C GLY B 90 -12.66 -9.27 -21.20
N ASP B 91 -13.45 -8.35 -20.67
CA ASP B 91 -13.12 -6.93 -20.75
C ASP B 91 -11.89 -6.64 -19.90
N PRO B 92 -10.79 -6.17 -20.50
CA PRO B 92 -9.59 -5.87 -19.69
C PRO B 92 -9.85 -4.86 -18.59
N ARG B 93 -10.77 -3.92 -18.80
CA ARG B 93 -11.12 -2.99 -17.73
C ARG B 93 -11.87 -3.71 -16.61
N ARG B 94 -12.69 -4.69 -16.95
CA ARG B 94 -13.39 -5.46 -15.94
C ARG B 94 -12.42 -6.34 -15.15
N ILE B 95 -11.46 -6.95 -15.85
CA ILE B 95 -10.43 -7.74 -15.17
C ILE B 95 -9.59 -6.84 -14.26
N ARG B 96 -9.27 -5.63 -14.73
CA ARG B 96 -8.45 -4.72 -13.94
C ARG B 96 -9.16 -4.31 -12.66
N GLU B 97 -10.45 -4.03 -12.74
CA GLU B 97 -11.20 -3.65 -11.54
C GLU B 97 -11.31 -4.80 -10.56
N LEU B 98 -11.54 -6.02 -11.07
CA LEU B 98 -11.69 -7.17 -10.18
C LEU B 98 -10.40 -7.45 -9.41
N VAL B 99 -9.25 -7.38 -10.10
CA VAL B 99 -7.98 -7.62 -9.43
C VAL B 99 -7.68 -6.51 -8.43
N GLU B 100 -8.03 -5.27 -8.78
CA GLU B 100 -7.73 -4.15 -7.89
C GLU B 100 -8.53 -4.27 -6.59
N VAL B 101 -9.82 -4.57 -6.68
CA VAL B 101 -10.63 -4.72 -5.48
C VAL B 101 -10.16 -5.90 -4.65
N ALA B 102 -9.72 -6.98 -5.31
CA ALA B 102 -9.16 -8.11 -4.59
C ALA B 102 -7.87 -7.72 -3.87
N SER B 103 -7.06 -6.85 -4.50
CA SER B 103 -5.85 -6.38 -3.86
C SER B 103 -6.17 -5.44 -2.71
N GLN B 104 -7.20 -4.60 -2.87
CA GLN B 104 -7.65 -3.76 -1.77
C GLN B 104 -8.16 -4.60 -0.61
N LEU B 105 -8.85 -5.70 -0.91
CA LEU B 105 -9.28 -6.63 0.12
C LEU B 105 -8.07 -7.28 0.79
N ALA B 106 -7.04 -7.60 0.02
CA ALA B 106 -5.83 -8.19 0.59
C ALA B 106 -5.11 -7.20 1.50
N PHE B 107 -5.18 -5.91 1.18
CA PHE B 107 -4.56 -4.91 2.05
C PHE B 107 -5.22 -4.89 3.42
N LEU B 108 -6.50 -5.26 3.51
CA LEU B 108 -7.14 -5.40 4.81
C LEU B 108 -6.48 -6.47 5.65
N LEU B 109 -5.98 -7.53 5.02
CA LEU B 109 -5.25 -8.56 5.76
C LEU B 109 -3.97 -8.01 6.37
N GLU B 110 -3.27 -7.14 5.63
CA GLU B 110 -2.09 -6.49 6.19
C GLU B 110 -2.48 -5.57 7.35
N LEU B 111 -3.58 -4.85 7.21
CA LEU B 111 -4.05 -3.99 8.29
C LEU B 111 -4.63 -4.81 9.44
N PHE B 112 -5.24 -5.96 9.14
CA PHE B 112 -5.69 -6.86 10.21
C PHE B 112 -4.50 -7.38 11.00
N TYR B 113 -3.37 -7.60 10.34
CA TYR B 113 -2.16 -8.04 11.05
C TYR B 113 -1.60 -6.92 11.91
N ARG B 114 -1.56 -5.69 11.38
CA ARG B 114 -1.06 -4.57 12.16
C ARG B 114 -1.94 -4.28 13.36
N LEU B 115 -3.26 -4.45 13.21
CA LEU B 115 -4.16 -4.27 14.34
C LEU B 115 -3.94 -5.35 15.39
N LYS B 116 -3.62 -6.57 14.96
CA LYS B 116 -3.30 -7.64 15.90
C LYS B 116 -2.07 -7.29 16.72
N GLU B 117 -1.05 -6.71 16.09
CA GLU B 117 0.14 -6.29 16.82
C GLU B 117 -0.16 -5.14 17.77
N ILE B 118 -1.08 -4.24 17.40
CA ILE B 118 -1.45 -3.15 18.28
C ILE B 118 -2.17 -3.68 19.51
N GLN B 119 -3.09 -4.64 19.32
CA GLN B 119 -3.80 -5.24 20.44
C GLN B 119 -2.86 -5.96 21.41
N GLU B 120 -1.69 -6.40 20.93
CA GLU B 120 -0.75 -7.11 21.78
C GLU B 120 0.01 -6.19 22.73
N ARG B 121 0.15 -4.91 22.39
CA ARG B 121 0.94 -3.97 23.17
C ARG B 121 0.13 -2.89 23.88
N ALA B 122 -1.05 -2.54 23.36
CA ALA B 122 -1.83 -1.47 23.94
C ALA B 122 -2.35 -1.84 25.32
N THR B 123 -2.25 -0.91 26.25
CA THR B 123 -2.66 -1.13 27.63
C THR B 123 -3.92 -0.36 28.03
N ASP B 124 -4.35 0.60 27.22
CA ASP B 124 -5.56 1.36 27.51
C ASP B 124 -6.79 0.53 27.14
N PRO B 125 -7.76 0.37 28.05
CA PRO B 125 -8.94 -0.43 27.71
C PRO B 125 -9.89 0.27 26.76
N GLU B 126 -9.91 1.60 26.73
CA GLU B 126 -10.76 2.32 25.78
C GLU B 126 -10.32 2.08 24.34
N ILE B 127 -9.03 1.84 24.12
CA ILE B 127 -8.56 1.52 22.77
C ILE B 127 -9.10 0.17 22.32
N GLN B 128 -9.17 -0.80 23.25
CA GLN B 128 -9.73 -2.11 22.91
C GLN B 128 -11.23 -2.03 22.69
N GLU B 129 -11.94 -1.27 23.52
CA GLU B 129 -13.39 -1.15 23.37
C GLU B 129 -13.76 -0.45 22.08
N LEU B 130 -12.98 0.55 21.67
CA LEU B 130 -13.23 1.24 20.41
C LEU B 130 -12.73 0.45 19.21
N ALA B 131 -11.75 -0.43 19.41
CA ALA B 131 -11.37 -1.34 18.33
C ALA B 131 -12.50 -2.29 18.00
N GLU B 132 -13.20 -2.80 19.03
CA GLU B 132 -14.36 -3.65 18.79
C GLU B 132 -15.50 -2.87 18.13
N ARG B 133 -15.61 -1.58 18.44
CA ARG B 133 -16.63 -0.76 17.78
C ARG B 133 -16.31 -0.57 16.31
N VAL B 134 -15.02 -0.45 15.98
CA VAL B 134 -14.63 -0.28 14.59
C VAL B 134 -14.78 -1.59 13.81
N LEU B 135 -14.35 -2.70 14.40
CA LEU B 135 -14.50 -3.99 13.75
C LEU B 135 -15.97 -4.36 13.59
N ARG B 136 -16.83 -3.94 14.52
CA ARG B 136 -18.26 -4.14 14.34
C ARG B 136 -18.75 -3.40 13.11
N LEU B 137 -18.25 -2.18 12.88
CA LEU B 137 -18.64 -1.44 11.69
C LEU B 137 -18.06 -2.07 10.43
N ILE B 138 -16.83 -2.56 10.51
CA ILE B 138 -16.23 -3.26 9.37
C ILE B 138 -16.99 -4.55 9.07
N LYS B 139 -17.50 -5.21 10.11
CA LYS B 139 -18.34 -6.40 9.90
C LYS B 139 -19.54 -6.07 9.01
N LYS B 140 -20.18 -4.93 9.25
CA LYS B 140 -21.33 -4.53 8.44
C LYS B 140 -20.92 -4.22 7.00
N LEU B 141 -19.79 -3.53 6.83
CA LEU B 141 -19.31 -3.22 5.49
C LEU B 141 -18.94 -4.50 4.74
N LEU B 142 -18.37 -5.48 5.43
CA LEU B 142 -18.01 -6.74 4.79
C LEU B 142 -19.24 -7.54 4.41
N LYS B 143 -20.27 -7.52 5.26
CA LYS B 143 -21.51 -8.23 4.94
C LYS B 143 -22.18 -7.63 3.71
N ALA B 144 -22.15 -6.30 3.59
CA ALA B 144 -22.71 -5.66 2.40
C ALA B 144 -21.88 -5.98 1.17
N ALA B 145 -20.56 -6.11 1.33
CA ALA B 145 -19.71 -6.46 0.20
C ALA B 145 -19.96 -7.89 -0.25
N GLU B 146 -20.26 -8.79 0.68
CA GLU B 146 -20.52 -10.18 0.32
C GLU B 146 -21.82 -10.32 -0.46
N GLU B 147 -22.77 -9.39 -0.26
CA GLU B 147 -24.03 -9.43 -0.97
C GLU B 147 -24.01 -8.62 -2.26
N ALA B 148 -23.02 -7.74 -2.43
CA ALA B 148 -22.96 -6.89 -3.61
C ALA B 148 -22.41 -7.66 -4.80
N GLY B 149 -23.01 -7.44 -5.96
CA GLY B 149 -22.53 -8.06 -7.19
C GLY B 149 -21.62 -7.14 -7.97
N ASP B 150 -21.79 -5.85 -7.78
CA ASP B 150 -20.97 -4.86 -8.48
C ASP B 150 -19.65 -4.67 -7.74
N PRO B 151 -18.50 -4.95 -8.37
CA PRO B 151 -17.22 -4.72 -7.68
C PRO B 151 -16.95 -3.26 -7.40
N ARG B 152 -17.57 -2.33 -8.13
CA ARG B 152 -17.46 -0.92 -7.78
C ARG B 152 -18.10 -0.63 -6.43
N LYS B 153 -19.21 -1.31 -6.12
CA LYS B 153 -19.82 -1.19 -4.79
C LYS B 153 -18.95 -1.84 -3.74
N ILE B 154 -18.34 -2.98 -4.05
CA ILE B 154 -17.44 -3.64 -3.10
C ILE B 154 -16.23 -2.76 -2.81
N HIS B 155 -15.70 -2.09 -3.84
CA HIS B 155 -14.55 -1.22 -3.64
C HIS B 155 -14.87 -0.09 -2.66
N LYS B 156 -16.08 0.46 -2.74
CA LYS B 156 -16.45 1.53 -1.83
C LYS B 156 -16.52 1.03 -0.38
N LEU B 157 -17.12 -0.14 -0.17
CA LEU B 157 -17.25 -0.67 1.18
C LEU B 157 -15.89 -1.08 1.75
N VAL B 158 -15.00 -1.61 0.91
CA VAL B 158 -13.68 -1.99 1.37
C VAL B 158 -12.83 -0.75 1.64
N PHE B 159 -12.99 0.28 0.82
CA PHE B 159 -12.26 1.53 1.05
C PHE B 159 -12.61 2.13 2.41
N VAL B 160 -13.90 2.12 2.77
CA VAL B 160 -14.32 2.64 4.06
C VAL B 160 -13.75 1.80 5.19
N ALA B 161 -13.70 0.47 5.00
CA ALA B 161 -13.14 -0.39 6.02
C ALA B 161 -11.65 -0.15 6.19
N ILE B 162 -10.95 0.17 5.11
CA ILE B 162 -9.51 0.43 5.19
C ILE B 162 -9.23 1.71 5.96
N VAL B 163 -9.97 2.78 5.65
CA VAL B 163 -9.73 4.05 6.34
C VAL B 163 -10.20 3.99 7.77
N LEU B 164 -11.18 3.12 8.09
CA LEU B 164 -11.57 2.92 9.47
C LEU B 164 -10.45 2.28 10.27
N LEU B 165 -9.72 1.35 9.66
CA LEU B 165 -8.57 0.75 10.34
C LEU B 165 -7.44 1.76 10.47
N PHE B 166 -7.29 2.66 9.50
CA PHE B 166 -6.36 3.78 9.67
C PHE B 166 -6.77 4.63 10.87
N LEU B 167 -8.06 4.93 11.00
CA LEU B 167 -8.52 5.70 12.15
C LEU B 167 -8.22 4.97 13.46
N LEU B 168 -8.33 3.64 13.45
CA LEU B 168 -8.06 2.86 14.66
C LEU B 168 -6.59 2.93 15.05
N GLN B 169 -5.70 2.75 14.06
CA GLN B 169 -4.27 2.94 14.33
C GLN B 169 -3.98 4.36 14.77
N THR B 170 -4.70 5.33 14.21
CA THR B 170 -4.53 6.73 14.60
C THR B 170 -4.96 6.94 16.05
N PHE B 171 -6.08 6.34 16.46
CA PHE B 171 -6.50 6.44 17.85
C PHE B 171 -5.49 5.81 18.78
N TYR B 172 -4.84 4.72 18.35
CA TYR B 172 -3.80 4.11 19.18
C TYR B 172 -2.58 5.02 19.32
N ARG B 173 -2.21 5.70 18.23
CA ARG B 173 -1.07 6.61 18.29
C ARG B 173 -1.35 7.81 19.17
N LEU B 174 -2.57 8.35 19.09
CA LEU B 174 -2.93 9.49 19.95
C LEU B 174 -2.94 9.09 21.42
N LYS B 175 -3.47 7.91 21.73
CA LYS B 175 -3.43 7.43 23.09
C LYS B 175 -2.00 7.23 23.56
N GLU B 176 -1.12 6.77 22.65
CA GLU B 176 0.29 6.63 22.99
C GLU B 176 0.93 7.98 23.29
N ILE B 177 0.60 9.00 22.49
CA ILE B 177 1.09 10.35 22.76
C ILE B 177 0.58 10.85 24.10
N GLN B 178 -0.71 10.63 24.38
CA GLN B 178 -1.29 11.06 25.65
C GLN B 178 -0.63 10.36 26.83
N GLU B 179 -0.16 9.13 26.65
CA GLU B 179 0.46 8.37 27.73
C GLU B 179 1.89 8.79 28.02
N LYS B 180 2.56 9.46 27.07
CA LYS B 180 3.97 9.77 27.20
C LYS B 180 4.31 11.25 27.11
N ALA B 181 3.48 12.07 26.48
CA ALA B 181 3.84 13.46 26.23
C ALA B 181 3.96 14.23 27.54
N THR B 182 5.08 14.93 27.71
CA THR B 182 5.29 15.83 28.83
C THR B 182 4.96 17.28 28.49
N ASP B 183 4.67 17.58 27.22
CA ASP B 183 4.28 18.91 26.82
C ASP B 183 2.83 19.17 27.21
N PRO B 184 2.55 20.14 28.08
CA PRO B 184 1.15 20.38 28.48
C PRO B 184 0.26 20.82 27.32
N GLU B 185 0.83 21.50 26.31
CA GLU B 185 0.02 21.89 25.17
C GLU B 185 -0.30 20.68 24.29
N ILE B 186 0.64 19.75 24.16
CA ILE B 186 0.37 18.53 23.42
C ILE B 186 -0.68 17.69 24.15
N GLN B 187 -0.61 17.64 25.48
CA GLN B 187 -1.61 16.92 26.25
C GLN B 187 -2.99 17.56 26.09
N ARG B 188 -3.05 18.88 26.08
CA ARG B 188 -4.32 19.57 25.88
C ARG B 188 -4.90 19.31 24.49
N LYS B 189 -4.03 19.34 23.47
CA LYS B 189 -4.50 19.09 22.11
C LYS B 189 -4.91 17.63 21.93
N ALA B 190 -4.20 16.71 22.58
CA ALA B 190 -4.52 15.29 22.43
C ALA B 190 -5.91 14.97 22.97
N GLN B 191 -6.21 15.45 24.17
CA GLN B 191 -7.54 15.21 24.75
C GLN B 191 -8.62 15.88 23.92
N GLU B 192 -8.31 17.06 23.35
CA GLU B 192 -9.26 17.76 22.50
C GLU B 192 -9.56 16.94 21.24
N VAL B 193 -8.52 16.42 20.61
CA VAL B 193 -8.70 15.67 19.36
C VAL B 193 -9.35 14.32 19.63
N LEU B 194 -8.97 13.66 20.72
CA LEU B 194 -9.54 12.36 21.04
C LEU B 194 -11.04 12.47 21.29
N GLU B 195 -11.47 13.54 21.95
CA GLU B 195 -12.90 13.73 22.20
C GLU B 195 -13.66 14.01 20.90
N LYS B 196 -13.05 14.78 20.00
CA LYS B 196 -13.68 15.05 18.71
C LYS B 196 -13.74 13.79 17.86
N ILE B 197 -12.70 12.96 17.92
CA ILE B 197 -12.67 11.74 17.12
C ILE B 197 -13.72 10.75 17.62
N LYS B 198 -13.90 10.66 18.94
CA LYS B 198 -14.93 9.78 19.48
C LYS B 198 -16.32 10.20 19.04
N ARG B 199 -16.56 11.52 18.95
CA ARG B 199 -17.83 12.00 18.44
C ARG B 199 -17.99 11.68 16.96
N LEU B 200 -16.92 11.84 16.18
CA LEU B 200 -16.99 11.53 14.75
C LEU B 200 -17.18 10.03 14.52
N LEU B 201 -16.56 9.20 15.37
CA LEU B 201 -16.77 7.76 15.26
C LEU B 201 -18.20 7.39 15.60
N GLU B 202 -18.79 8.06 16.58
CA GLU B 202 -20.20 7.80 16.91
C GLU B 202 -21.11 8.22 15.77
N ALA B 203 -20.79 9.31 15.09
CA ALA B 203 -21.58 9.72 13.93
C ALA B 203 -21.41 8.73 12.78
N ALA B 204 -20.21 8.17 12.62
CA ALA B 204 -20.00 7.18 11.57
C ALA B 204 -20.73 5.89 11.87
N GLU B 205 -20.97 5.57 13.14
CA GLU B 205 -21.71 4.37 13.50
C GLU B 205 -23.21 4.54 13.26
N ARG B 206 -23.72 5.76 13.40
CA ARG B 206 -25.13 6.04 13.15
C ARG B 206 -25.44 6.31 11.68
N ALA B 207 -24.40 6.46 10.84
CA ALA B 207 -24.61 6.78 9.44
C ALA B 207 -24.92 5.52 8.63
N GLY B 208 -25.96 5.60 7.81
CA GLY B 208 -26.29 4.52 6.90
C GLY B 208 -25.66 4.62 5.54
N ASP B 209 -25.01 5.75 5.24
CA ASP B 209 -24.36 5.97 3.96
C ASP B 209 -22.86 5.76 4.11
N PRO B 210 -22.26 4.83 3.36
CA PRO B 210 -20.80 4.66 3.44
C PRO B 210 -20.03 5.90 3.07
N ALA B 211 -20.60 6.77 2.22
CA ALA B 211 -19.93 8.03 1.88
C ALA B 211 -19.90 8.97 3.08
N LYS B 212 -20.97 8.97 3.88
CA LYS B 212 -20.97 9.79 5.08
C LYS B 212 -20.02 9.24 6.13
N ILE B 213 -19.93 7.91 6.24
CA ILE B 213 -18.95 7.30 7.14
C ILE B 213 -17.54 7.71 6.73
N LEU B 214 -17.24 7.62 5.43
CA LEU B 214 -15.92 8.01 4.94
C LEU B 214 -15.64 9.48 5.23
N LEU B 215 -16.65 10.35 5.08
CA LEU B 215 -16.44 11.77 5.34
C LEU B 215 -16.09 12.03 6.80
N TYR B 216 -16.79 11.36 7.72
CA TYR B 216 -16.50 11.53 9.15
C TYR B 216 -15.11 11.01 9.50
N VAL B 217 -14.71 9.89 8.90
CA VAL B 217 -13.40 9.31 9.21
C VAL B 217 -12.29 10.21 8.69
N ILE B 218 -12.47 10.80 7.51
CA ILE B 218 -11.47 11.71 6.98
C ILE B 218 -11.33 12.93 7.88
N ARG B 219 -12.45 13.45 8.39
CA ARG B 219 -12.39 14.57 9.32
C ARG B 219 -11.64 14.20 10.58
N ALA B 220 -11.83 12.97 11.07
CA ALA B 220 -11.13 12.53 12.27
C ALA B 220 -9.64 12.34 12.00
N LEU B 221 -9.30 11.75 10.85
CA LEU B 221 -7.89 11.57 10.51
C LEU B 221 -7.21 12.91 10.26
N LEU B 222 -7.93 13.90 9.74
CA LEU B 222 -7.36 15.22 9.50
C LEU B 222 -6.99 15.89 10.82
N LEU B 223 -7.89 15.83 11.81
CA LEU B 223 -7.62 16.46 13.10
C LEU B 223 -6.41 15.83 13.78
N ALA B 224 -6.31 14.50 13.72
CA ALA B 224 -5.23 13.81 14.41
C ALA B 224 -3.89 13.97 13.69
N MET B 225 -3.90 14.02 12.36
CA MET B 225 -2.67 14.26 11.60
C MET B 225 -2.05 15.60 11.98
N GLU B 226 -2.88 16.59 12.30
CA GLU B 226 -2.36 17.90 12.72
C GLU B 226 -1.57 17.79 14.02
N LEU B 227 -2.10 17.04 14.99
CA LEU B 227 -1.40 16.86 16.26
C LEU B 227 -0.18 15.97 16.08
N LYS B 228 -0.28 14.95 15.22
CA LYS B 228 0.86 14.06 14.99
C LYS B 228 2.03 14.81 14.37
N PHE B 229 1.74 15.76 13.48
CA PHE B 229 2.80 16.56 12.90
C PHE B 229 3.40 17.53 13.91
N ALA B 230 2.58 18.04 14.84
CA ALA B 230 3.09 18.98 15.84
C ALA B 230 3.95 18.28 16.88
N TYR B 231 3.72 16.99 17.11
CA TYR B 231 4.45 16.24 18.12
C TYR B 231 5.70 15.55 17.58
N ARG B 232 5.87 15.49 16.26
CA ARG B 232 6.94 14.71 15.67
C ARG B 232 8.31 15.24 16.06
N LYS B 233 9.28 14.35 16.13
CA LYS B 233 10.66 14.74 16.35
C LYS B 233 11.25 15.35 15.09
N ARG B 234 11.96 16.45 15.25
CA ARG B 234 12.53 17.16 14.10
C ARG B 234 13.68 18.07 14.53
N DAL C 1 0.89 2.11 -2.46
CA DAL C 1 0.13 3.41 -2.39
CB DAL C 1 -0.02 3.83 -0.89
C DAL C 1 -1.32 3.24 -3.06
O DAL C 1 -2.25 3.13 -2.25
N DPR C 2 -1.61 3.20 -4.49
CA DPR C 2 -2.95 3.04 -5.23
CB DPR C 2 -2.59 3.63 -6.63
CG DPR C 2 -1.18 4.05 -6.66
CD DPR C 2 -0.56 3.31 -5.46
C DPR C 2 -4.20 3.72 -4.59
O DPR C 2 -4.00 4.81 -4.05
N MLE C 3 -5.56 3.20 -4.56
CN MLE C 3 -5.91 1.91 -5.18
CA MLE C 3 -6.72 3.92 -3.92
CB MLE C 3 -7.41 5.06 -4.82
CG MLE C 3 -7.73 6.47 -4.14
CD1 MLE C 3 -7.07 7.64 -4.89
CD2 MLE C 3 -7.30 6.54 -2.65
C MLE C 3 -7.71 2.86 -3.07
O MLE C 3 -8.87 2.82 -3.46
C1 MEA C 4 -8.40 1.20 -1.36
N MEA C 4 -7.35 2.02 -1.92
CA MEA C 4 -5.94 1.97 -1.32
C MEA C 4 -5.18 0.55 -1.67
O MEA C 4 -5.86 -0.36 -2.11
CB MEA C 4 -5.95 2.31 0.28
CG MEA C 4 -5.97 3.82 0.74
CD1 MEA C 4 -4.92 4.69 0.41
CE1 MEA C 4 -4.92 6.05 0.81
CZ MEA C 4 -5.98 6.57 1.53
CE2 MEA C 4 -7.05 5.73 1.86
CD2 MEA C 4 -7.03 4.39 1.46
N DAL C 5 -3.79 0.28 -1.48
CA DAL C 5 -3.17 -1.06 -1.84
CB DAL C 5 -2.15 -1.48 -0.73
C DAL C 5 -2.44 -1.12 -3.22
O DAL C 5 -1.23 -0.90 -3.16
N DPR C 6 -3.09 -1.42 -4.57
CA DPR C 6 -2.43 -1.54 -5.93
CB DPR C 6 -3.34 -2.49 -6.74
CG DPR C 6 -4.69 -2.43 -6.12
CD DPR C 6 -4.53 -1.71 -4.76
C DPR C 6 -1.02 -2.08 -5.67
O DPR C 6 -1.01 -3.10 -4.98
N MLE C 7 0.23 -1.53 -6.05
CN MLE C 7 0.25 -0.27 -6.84
CA MLE C 7 1.52 -2.17 -5.59
CB MLE C 7 2.62 -2.30 -6.68
CG MLE C 7 2.89 -3.78 -7.07
CD1 MLE C 7 2.27 -4.14 -8.40
CD2 MLE C 7 4.38 -4.22 -7.00
C MLE C 7 2.00 -1.40 -4.19
O MLE C 7 1.66 -2.02 -3.17
C1 MEA C 8 3.09 0.69 -5.09
N MEA C 8 2.69 -0.14 -3.93
CA MEA C 8 2.99 0.46 -2.56
C MEA C 8 2.32 1.90 -2.46
O MEA C 8 3.06 2.88 -2.43
CB MEA C 8 4.54 0.43 -2.17
CG MEA C 8 5.11 -0.88 -1.57
CD1 MEA C 8 5.37 -2.01 -2.38
CE1 MEA C 8 5.88 -3.21 -1.86
CZ MEA C 8 6.14 -3.32 -0.48
CE2 MEA C 8 5.88 -2.23 0.34
CD2 MEA C 8 5.37 -1.03 -0.20
O POL D . 10.17 13.33 -20.79
C1 POL D . 8.99 12.60 -20.78
C2 POL D . 7.87 13.63 -20.49
C3 POL D . 7.84 14.63 -21.62
S SO4 E . -17.51 -24.12 -15.88
O1 SO4 E . -16.97 -25.05 -16.88
O2 SO4 E . -16.46 -23.72 -14.96
O3 SO4 E . -18.06 -22.94 -16.55
O4 SO4 E . -18.57 -24.78 -15.13
S SO4 F . -12.94 -23.08 -11.39
O1 SO4 F . -13.36 -23.96 -12.48
O2 SO4 F . -11.60 -22.56 -11.68
O3 SO4 F . -13.87 -21.97 -11.27
O4 SO4 F . -12.91 -23.84 -10.14
S SO4 G . -16.83 -9.24 -20.36
O1 SO4 G . -16.79 -10.50 -21.08
O2 SO4 G . -15.60 -9.09 -19.57
O3 SO4 G . -16.94 -8.13 -21.30
O4 SO4 G . -17.98 -9.22 -19.46
O POL H . -27.46 9.93 6.75
C1 POL H . -27.29 8.59 6.38
C2 POL H . -28.60 8.17 5.71
C3 POL H . -28.79 8.96 4.44
O POL I . 4.38 11.37 31.40
C1 POL I . 3.53 10.32 31.75
C2 POL I . 2.12 10.92 31.75
C3 POL I . 1.88 11.58 30.40
#